data_9MS7
#
_entry.id   9MS7
#
_cell.length_a   92.046
_cell.length_b   34.738
_cell.length_c   110.760
_cell.angle_alpha   90.00
_cell.angle_beta   107.50
_cell.angle_gamma   90.00
#
_symmetry.space_group_name_H-M   'C 1 2 1'
#
loop_
_entity.id
_entity.type
_entity.pdbx_description
1 polymer 'PWe2 endolysin'
2 non-polymer 'MAGNESIUM ION'
3 non-polymer 1,2-ETHANEDIOL
4 non-polymer 'CHLORIDE ION'
5 water water
#
_entity_poly.entity_id   1
_entity_poly.type   'polypeptide(L)'
_entity_poly.pdbx_seq_one_letter_code
;MDITNEQLAAIMTNARKTGIDVFAPLLRKYMEQYEINTPIRISMFLSQIAHESGELRYTREIWGPTDAQRRYEKRIDLGN
LHVGDGKKFMGRGLIQITGRANYAACSLALTGSPDTFLDNPELLSTPKYATESACWFWYDRGLNELADSEDFQRITKRIN
GGLNGLESRIKFFERAKKNLAV
;
_entity_poly.pdbx_strand_id   A,B
#
# COMPACT_ATOMS: atom_id res chain seq x y z
N ASP A 2 20.87 -0.24 11.84
CA ASP A 2 21.51 0.58 12.85
C ASP A 2 21.07 2.04 12.76
N ILE A 3 20.22 2.34 11.79
CA ILE A 3 19.73 3.69 11.58
C ILE A 3 18.48 3.89 12.41
N THR A 4 18.42 4.98 13.17
CA THR A 4 17.23 5.23 13.98
C THR A 4 16.17 5.93 13.16
N ASN A 5 14.92 5.85 13.65
CA ASN A 5 13.85 6.63 13.02
C ASN A 5 14.18 8.11 13.04
N GLU A 6 14.81 8.58 14.12
CA GLU A 6 15.15 10.00 14.21
C GLU A 6 16.19 10.38 13.16
N GLN A 7 17.18 9.50 12.92
CA GLN A 7 18.16 9.79 11.88
C GLN A 7 17.50 9.85 10.50
N LEU A 8 16.58 8.93 10.23
CA LEU A 8 15.86 8.97 8.95
C LEU A 8 15.10 10.27 8.80
N ALA A 9 14.45 10.74 9.88
CA ALA A 9 13.70 11.99 9.84
C ALA A 9 14.62 13.21 9.72
N ALA A 10 15.85 13.13 10.24
CA ALA A 10 16.79 14.24 10.09
C ALA A 10 17.22 14.41 8.63
N ILE A 11 17.25 13.33 7.88
CA ILE A 11 17.48 13.43 6.44
C ILE A 11 16.22 13.91 5.73
N MET A 12 15.11 13.21 5.95
CA MET A 12 13.86 13.50 5.28
C MET A 12 13.00 14.38 6.19
N THR A 13 13.41 15.64 6.29
CA THR A 13 12.78 16.54 7.27
C THR A 13 11.34 16.83 6.94
N ASN A 14 10.89 16.54 5.71
CA ASN A 14 9.50 16.75 5.34
C ASN A 14 8.72 15.45 5.23
N ALA A 15 9.30 14.33 5.64
CA ALA A 15 8.54 13.09 5.73
C ALA A 15 7.50 13.20 6.84
N ARG A 16 6.32 12.65 6.59
CA ARG A 16 5.35 12.50 7.65
C ARG A 16 5.86 11.52 8.69
N LYS A 17 5.44 11.73 9.94
CA LYS A 17 5.82 10.81 11.01
C LYS A 17 5.32 9.40 10.72
N THR A 18 4.09 9.29 10.18
CA THR A 18 3.58 7.98 9.82
C THR A 18 4.40 7.33 8.73
N GLY A 19 4.95 8.13 7.80
CA GLY A 19 5.81 7.58 6.77
C GLY A 19 7.10 7.05 7.34
N ILE A 20 7.72 7.79 8.26
CA ILE A 20 8.90 7.30 8.96
C ILE A 20 8.58 6.00 9.69
N ASP A 21 7.45 5.97 10.40
CA ASP A 21 7.06 4.78 11.16
C ASP A 21 6.92 3.57 10.25
N VAL A 22 6.31 3.76 9.09
CA VAL A 22 6.05 2.64 8.19
C VAL A 22 7.34 2.18 7.51
N PHE A 23 8.14 3.12 7.01
CA PHE A 23 9.24 2.73 6.14
C PHE A 23 10.55 2.46 6.87
N ALA A 24 10.77 3.06 8.04
CA ALA A 24 12.05 2.84 8.73
C ALA A 24 12.33 1.36 9.00
N PRO A 25 11.39 0.55 9.52
CA PRO A 25 11.70 -0.87 9.72
C PRO A 25 11.99 -1.60 8.43
N LEU A 26 11.27 -1.26 7.36
CA LEU A 26 11.48 -1.92 6.07
C LEU A 26 12.82 -1.53 5.48
N LEU A 27 13.20 -0.26 5.59
CA LEU A 27 14.51 0.17 5.12
C LEU A 27 15.62 -0.55 5.87
N ARG A 28 15.51 -0.63 7.21
CA ARG A 28 16.55 -1.32 7.96
C ARG A 28 16.68 -2.77 7.50
N LYS A 29 15.55 -3.43 7.27
CA LYS A 29 15.55 -4.84 6.86
C LYS A 29 16.16 -5.02 5.47
N TYR A 30 15.69 -4.26 4.48
CA TYR A 30 16.12 -4.57 3.12
C TYR A 30 17.45 -3.93 2.77
N MET A 31 17.85 -2.84 3.43
CA MET A 31 19.22 -2.36 3.24
C MET A 31 20.22 -3.41 3.69
N GLU A 32 19.97 -4.05 4.84
CA GLU A 32 20.86 -5.13 5.28
C GLU A 32 20.88 -6.27 4.27
N GLN A 33 19.72 -6.66 3.74
CA GLN A 33 19.67 -7.81 2.85
C GLN A 33 20.42 -7.56 1.54
N TYR A 34 20.44 -6.32 1.06
CA TYR A 34 21.08 -5.99 -0.20
C TYR A 34 22.42 -5.28 0.00
N GLU A 35 23.05 -5.47 1.17
CA GLU A 35 24.42 -5.05 1.45
C GLU A 35 24.59 -3.53 1.40
N ILE A 36 23.50 -2.80 1.64
CA ILE A 36 23.55 -1.33 1.78
C ILE A 36 23.86 -1.10 3.27
N ASN A 37 25.14 -1.28 3.62
CA ASN A 37 25.47 -1.63 5.00
C ASN A 37 26.66 -0.89 5.58
N THR A 38 27.14 0.17 4.95
CA THR A 38 28.17 1.04 5.49
C THR A 38 27.64 2.47 5.50
N PRO A 39 28.25 3.36 6.29
CA PRO A 39 27.76 4.75 6.32
C PRO A 39 27.68 5.39 4.95
N ILE A 40 28.66 5.18 4.06
CA ILE A 40 28.61 5.85 2.76
C ILE A 40 27.53 5.24 1.88
N ARG A 41 27.37 3.91 1.93
CA ARG A 41 26.32 3.28 1.12
C ARG A 41 24.94 3.72 1.61
N ILE A 42 24.73 3.69 2.92
CA ILE A 42 23.43 4.05 3.48
C ILE A 42 23.12 5.52 3.22
N SER A 43 24.11 6.40 3.41
CA SER A 43 23.88 7.84 3.20
CA SER A 43 23.88 7.83 3.21
C SER A 43 23.50 8.12 1.76
N MET A 44 24.21 7.53 0.80
CA MET A 44 23.87 7.81 -0.58
C MET A 44 22.54 7.17 -0.97
N PHE A 45 22.25 5.97 -0.46
CA PHE A 45 20.98 5.33 -0.77
C PHE A 45 19.82 6.12 -0.22
N LEU A 46 19.88 6.51 1.06
CA LEU A 46 18.74 7.20 1.66
C LEU A 46 18.52 8.56 1.03
N SER A 47 19.61 9.22 0.60
CA SER A 47 19.45 10.52 -0.04
CA SER A 47 19.46 10.52 -0.04
C SER A 47 18.74 10.38 -1.38
N GLN A 48 19.06 9.33 -2.14
CA GLN A 48 18.37 9.12 -3.41
C GLN A 48 16.90 8.75 -3.19
N ILE A 49 16.62 7.87 -2.22
CA ILE A 49 15.24 7.51 -1.86
C ILE A 49 14.45 8.74 -1.45
N ALA A 50 15.06 9.63 -0.67
CA ALA A 50 14.35 10.83 -0.23
C ALA A 50 13.87 11.65 -1.43
N HIS A 51 14.74 11.82 -2.43
CA HIS A 51 14.32 12.56 -3.60
C HIS A 51 13.32 11.76 -4.44
N GLU A 52 13.61 10.49 -4.68
CA GLU A 52 12.82 9.71 -5.64
C GLU A 52 11.40 9.48 -5.17
N SER A 53 11.17 9.42 -3.86
CA SER A 53 9.87 9.12 -3.28
C SER A 53 9.18 10.34 -2.68
N GLY A 54 9.72 11.55 -2.87
CA GLY A 54 9.13 12.69 -2.19
C GLY A 54 9.13 12.54 -0.68
N GLU A 55 10.24 12.05 -0.12
CA GLU A 55 10.37 11.82 1.32
C GLU A 55 9.25 10.92 1.84
N LEU A 56 9.09 9.78 1.17
CA LEU A 56 8.19 8.67 1.51
C LEU A 56 6.72 9.00 1.23
N ARG A 57 6.46 10.10 0.52
CA ARG A 57 5.10 10.47 0.15
CA ARG A 57 5.10 10.47 0.16
C ARG A 57 4.53 9.58 -0.94
N TYR A 58 5.37 9.10 -1.84
CA TYR A 58 4.90 8.43 -3.06
C TYR A 58 5.55 7.07 -3.20
N THR A 59 4.71 6.06 -3.49
CA THR A 59 5.17 4.79 -4.05
C THR A 59 4.54 4.53 -5.40
N ARG A 60 3.83 5.51 -5.96
CA ARG A 60 3.19 5.38 -7.26
C ARG A 60 3.21 6.73 -7.97
N GLU A 61 3.48 6.67 -9.28
CA GLU A 61 3.40 7.84 -10.15
C GLU A 61 2.00 8.46 -10.08
N ILE A 62 1.94 9.79 -10.17
CA ILE A 62 0.66 10.48 -10.25
C ILE A 62 0.27 10.61 -11.72
N TRP A 63 -0.88 10.05 -12.08
CA TRP A 63 -1.27 9.86 -13.48
C TRP A 63 -2.13 11.02 -13.97
N GLY A 64 -1.72 11.61 -15.09
CA GLY A 64 -2.47 12.69 -15.69
C GLY A 64 -3.67 12.20 -16.48
N PRO A 65 -3.43 11.62 -17.66
CA PRO A 65 -2.13 11.41 -18.29
C PRO A 65 -1.56 12.66 -18.96
N THR A 66 -0.32 12.98 -18.60
CA THR A 66 0.43 13.98 -19.34
C THR A 66 0.71 13.46 -20.74
N ASP A 67 1.12 14.36 -21.64
CA ASP A 67 1.56 13.90 -22.95
C ASP A 67 2.62 12.82 -22.82
N ALA A 68 3.51 12.96 -21.84
CA ALA A 68 4.55 11.96 -21.65
C ALA A 68 3.98 10.59 -21.24
N GLN A 69 3.02 10.59 -20.31
CA GLN A 69 2.46 9.33 -19.85
C GLN A 69 1.64 8.67 -20.92
N ARG A 70 0.95 9.45 -21.76
CA ARG A 70 0.21 8.86 -22.88
C ARG A 70 1.12 8.04 -23.77
N ARG A 71 2.36 8.46 -23.92
CA ARG A 71 3.28 7.77 -24.81
C ARG A 71 4.08 6.66 -24.10
N TYR A 72 3.67 6.27 -22.87
CA TYR A 72 4.10 4.97 -22.32
C TYR A 72 3.44 3.81 -23.05
N GLU A 73 2.24 4.03 -23.58
CA GLU A 73 1.54 2.99 -24.31
C GLU A 73 2.31 2.60 -25.56
N LYS A 74 2.41 1.29 -25.79
CA LYS A 74 2.98 0.74 -27.03
C LYS A 74 4.46 1.07 -27.19
N ARG A 75 5.19 1.09 -26.08
CA ARG A 75 6.63 1.30 -26.07
C ARG A 75 7.33 -0.05 -25.94
N ILE A 76 8.03 -0.48 -26.99
CA ILE A 76 8.67 -1.79 -26.91
C ILE A 76 9.85 -1.77 -25.96
N ASP A 77 10.48 -0.60 -25.75
CA ASP A 77 11.60 -0.55 -24.80
C ASP A 77 11.12 -0.71 -23.36
N LEU A 78 9.86 -0.40 -23.07
CA LEU A 78 9.25 -0.68 -21.77
C LEU A 78 8.62 -2.06 -21.71
N GLY A 79 8.62 -2.79 -22.83
CA GLY A 79 7.89 -4.05 -22.92
C GLY A 79 6.39 -3.92 -22.94
N ASN A 80 5.86 -2.72 -23.16
CA ASN A 80 4.42 -2.46 -23.13
C ASN A 80 3.78 -2.87 -24.45
N LEU A 81 3.70 -4.18 -24.65
CA LEU A 81 3.24 -4.73 -25.92
C LEU A 81 1.72 -4.79 -26.05
N HIS A 82 0.98 -4.68 -24.94
CA HIS A 82 -0.45 -4.93 -24.96
C HIS A 82 -1.22 -3.67 -24.62
N VAL A 83 -2.43 -3.56 -25.22
CA VAL A 83 -3.29 -2.41 -24.95
C VAL A 83 -3.52 -2.27 -23.45
N GLY A 84 -3.36 -1.05 -22.94
CA GLY A 84 -3.53 -0.76 -21.53
C GLY A 84 -2.27 -0.85 -20.70
N ASP A 85 -1.18 -1.39 -21.25
CA ASP A 85 0.05 -1.58 -20.48
C ASP A 85 0.62 -0.26 -20.00
N GLY A 86 0.43 0.83 -20.75
CA GLY A 86 1.07 2.09 -20.39
C GLY A 86 0.65 2.57 -19.01
N LYS A 87 -0.66 2.59 -18.75
CA LYS A 87 -1.18 2.98 -17.45
C LYS A 87 -1.07 1.85 -16.44
N LYS A 88 -1.25 0.61 -16.89
CA LYS A 88 -1.19 -0.52 -15.98
C LYS A 88 0.16 -0.58 -15.27
N PHE A 89 1.23 -0.27 -16.00
CA PHE A 89 2.60 -0.36 -15.48
C PHE A 89 3.23 1.02 -15.34
N MET A 90 2.43 1.98 -14.88
CA MET A 90 2.96 3.27 -14.50
C MET A 90 4.00 3.09 -13.40
N GLY A 91 4.75 4.15 -13.11
CA GLY A 91 5.80 4.08 -12.13
C GLY A 91 5.34 3.63 -10.75
N ARG A 92 5.99 2.62 -10.18
CA ARG A 92 5.73 2.19 -8.81
C ARG A 92 7.04 1.81 -8.12
N GLY A 93 7.08 2.02 -6.81
CA GLY A 93 8.25 1.80 -5.99
C GLY A 93 8.75 3.09 -5.37
N LEU A 94 9.62 2.95 -4.36
CA LEU A 94 10.30 4.14 -3.86
C LEU A 94 11.18 4.76 -4.95
N ILE A 95 11.87 3.92 -5.72
CA ILE A 95 12.47 4.32 -6.99
C ILE A 95 11.53 3.78 -8.06
N GLN A 96 10.79 4.66 -8.72
CA GLN A 96 9.67 4.20 -9.53
C GLN A 96 10.13 3.42 -10.75
N ILE A 97 9.59 2.22 -10.88
CA ILE A 97 9.85 1.28 -11.96
C ILE A 97 8.65 1.33 -12.91
N THR A 98 8.92 1.38 -14.21
CA THR A 98 7.87 1.62 -15.20
C THR A 98 7.95 0.60 -16.33
N GLY A 99 6.82 0.04 -16.72
CA GLY A 99 6.72 -0.77 -17.92
C GLY A 99 6.65 -2.26 -17.63
N ARG A 100 5.88 -2.98 -18.46
CA ARG A 100 5.66 -4.41 -18.28
C ARG A 100 6.96 -5.21 -18.12
N ALA A 101 7.92 -5.01 -19.03
CA ALA A 101 9.15 -5.80 -18.97
C ALA A 101 9.92 -5.57 -17.67
N ASN A 102 9.89 -4.35 -17.15
CA ASN A 102 10.61 -4.06 -15.91
C ASN A 102 9.86 -4.54 -14.68
N TYR A 103 8.51 -4.53 -14.71
CA TYR A 103 7.76 -5.20 -13.65
C TYR A 103 8.05 -6.69 -13.63
N ALA A 104 8.12 -7.32 -14.81
CA ALA A 104 8.39 -8.75 -14.87
C ALA A 104 9.75 -9.08 -14.28
N ALA A 105 10.77 -8.30 -14.62
CA ALA A 105 12.11 -8.54 -14.10
C ALA A 105 12.16 -8.37 -12.59
N CYS A 106 11.59 -7.27 -12.11
CA CYS A 106 11.56 -7.05 -10.67
C CYS A 106 10.76 -8.13 -9.96
N SER A 107 9.61 -8.50 -10.52
CA SER A 107 8.77 -9.55 -9.93
C SER A 107 9.54 -10.86 -9.80
N LEU A 108 10.27 -11.24 -10.83
CA LEU A 108 11.02 -12.49 -10.76
C LEU A 108 12.05 -12.44 -9.63
N ALA A 109 12.75 -11.32 -9.50
CA ALA A 109 13.79 -11.21 -8.46
C ALA A 109 13.19 -11.20 -7.06
N LEU A 110 12.05 -10.55 -6.86
CA LEU A 110 11.51 -10.38 -5.52
C LEU A 110 10.51 -11.45 -5.10
N THR A 111 9.90 -12.18 -6.04
CA THR A 111 8.88 -13.14 -5.68
C THR A 111 9.10 -14.54 -6.23
N GLY A 112 10.06 -14.72 -7.14
CA GLY A 112 10.29 -16.03 -7.74
C GLY A 112 9.57 -16.29 -9.04
N SER A 113 8.67 -15.39 -9.47
CA SER A 113 7.91 -15.53 -10.69
C SER A 113 7.76 -14.15 -11.33
N PRO A 114 7.94 -14.03 -12.65
CA PRO A 114 7.65 -12.75 -13.30
C PRO A 114 6.18 -12.38 -13.27
N ASP A 115 5.28 -13.32 -13.03
CA ASP A 115 3.85 -13.06 -13.15
C ASP A 115 3.27 -12.32 -11.95
N THR A 116 3.94 -12.35 -10.79
CA THR A 116 3.34 -11.82 -9.57
C THR A 116 2.96 -10.35 -9.73
N PHE A 117 3.90 -9.53 -10.20
CA PHE A 117 3.61 -8.10 -10.37
C PHE A 117 2.93 -7.81 -11.70
N LEU A 118 2.92 -8.74 -12.65
CA LEU A 118 2.13 -8.52 -13.86
C LEU A 118 0.65 -8.74 -13.58
N ASP A 119 0.33 -9.75 -12.77
CA ASP A 119 -1.05 -10.02 -12.41
C ASP A 119 -1.59 -9.01 -11.39
N ASN A 120 -0.73 -8.48 -10.52
CA ASN A 120 -1.14 -7.52 -9.50
C ASN A 120 -0.09 -6.42 -9.43
N PRO A 121 -0.11 -5.48 -10.38
CA PRO A 121 0.92 -4.42 -10.40
C PRO A 121 0.90 -3.55 -9.15
N GLU A 122 -0.23 -3.43 -8.47
CA GLU A 122 -0.28 -2.62 -7.26
C GLU A 122 0.56 -3.18 -6.13
N LEU A 123 0.98 -4.45 -6.21
CA LEU A 123 1.93 -4.96 -5.21
C LEU A 123 3.19 -4.12 -5.15
N LEU A 124 3.61 -3.54 -6.28
CA LEU A 124 4.87 -2.79 -6.28
C LEU A 124 4.74 -1.45 -5.55
N SER A 125 3.51 -1.01 -5.27
CA SER A 125 3.26 0.20 -4.49
C SER A 125 3.12 -0.05 -3.00
N THR A 126 3.05 -1.32 -2.58
CA THR A 126 2.97 -1.58 -1.15
C THR A 126 4.30 -1.23 -0.49
N PRO A 127 4.29 -0.84 0.80
CA PRO A 127 5.56 -0.52 1.47
C PRO A 127 6.60 -1.61 1.35
N LYS A 128 6.20 -2.87 1.52
CA LYS A 128 7.16 -3.97 1.45
C LYS A 128 7.88 -4.00 0.11
N TYR A 129 7.13 -4.10 -0.99
CA TYR A 129 7.82 -4.24 -2.28
C TYR A 129 8.33 -2.91 -2.82
N ALA A 130 7.70 -1.79 -2.46
CA ALA A 130 8.26 -0.51 -2.88
C ALA A 130 9.63 -0.30 -2.28
N THR A 131 9.85 -0.80 -1.05
CA THR A 131 11.15 -0.68 -0.40
C THR A 131 12.13 -1.72 -0.92
N GLU A 132 11.72 -3.00 -0.94
CA GLU A 132 12.64 -4.04 -1.39
C GLU A 132 13.08 -3.80 -2.84
N SER A 133 12.15 -3.35 -3.70
CA SER A 133 12.53 -3.12 -5.11
C SER A 133 13.58 -2.03 -5.23
N ALA A 134 13.52 -1.00 -4.38
CA ALA A 134 14.53 0.06 -4.44
C ALA A 134 15.89 -0.47 -4.00
N CYS A 135 15.91 -1.31 -2.96
CA CYS A 135 17.16 -1.91 -2.51
C CYS A 135 17.72 -2.87 -3.57
N TRP A 136 16.84 -3.66 -4.19
CA TRP A 136 17.27 -4.58 -5.23
C TRP A 136 17.81 -3.82 -6.43
N PHE A 137 17.12 -2.75 -6.85
CA PHE A 137 17.61 -1.95 -7.98
C PHE A 137 19.00 -1.42 -7.70
N TRP A 138 19.19 -0.87 -6.50
CA TRP A 138 20.48 -0.32 -6.09
C TRP A 138 21.58 -1.38 -6.15
N TYR A 139 21.31 -2.55 -5.55
CA TYR A 139 22.26 -3.65 -5.60
C TYR A 139 22.54 -4.07 -7.03
N ASP A 140 21.47 -4.34 -7.79
CA ASP A 140 21.62 -4.93 -9.13
C ASP A 140 22.32 -3.99 -10.11
N ARG A 141 22.16 -2.68 -9.94
CA ARG A 141 22.78 -1.72 -10.86
C ARG A 141 24.18 -1.30 -10.39
N GLY A 142 24.74 -2.00 -9.42
CA GLY A 142 26.12 -1.73 -9.01
C GLY A 142 26.29 -0.46 -8.24
N LEU A 143 25.24 -0.01 -7.55
CA LEU A 143 25.33 1.29 -6.89
C LEU A 143 26.07 1.21 -5.56
N ASN A 144 26.15 0.03 -4.93
CA ASN A 144 27.01 -0.11 -3.77
C ASN A 144 28.47 0.16 -4.14
N GLU A 145 28.92 -0.37 -5.27
CA GLU A 145 30.29 -0.13 -5.71
C GLU A 145 30.51 1.33 -6.06
N LEU A 146 29.52 1.98 -6.69
CA LEU A 146 29.65 3.42 -6.94
C LEU A 146 29.70 4.21 -5.65
N ALA A 147 28.91 3.82 -4.65
CA ALA A 147 28.95 4.53 -3.37
C ALA A 147 30.33 4.40 -2.71
N ASP A 148 30.95 3.21 -2.80
CA ASP A 148 32.27 3.02 -2.24
C ASP A 148 33.28 3.99 -2.83
N SER A 149 33.12 4.33 -4.10
CA SER A 149 33.95 5.33 -4.74
CA SER A 149 33.93 5.33 -4.78
C SER A 149 33.38 6.74 -4.63
N GLU A 150 32.26 6.89 -3.91
CA GLU A 150 31.62 8.19 -3.62
C GLU A 150 31.21 8.90 -4.90
N ASP A 151 30.75 8.11 -5.89
CA ASP A 151 30.37 8.64 -7.20
C ASP A 151 28.87 8.92 -7.23
N PHE A 152 28.50 10.03 -6.60
CA PHE A 152 27.10 10.39 -6.45
C PHE A 152 26.46 10.75 -7.79
N GLN A 153 27.24 11.32 -8.71
CA GLN A 153 26.67 11.70 -10.00
C GLN A 153 26.36 10.49 -10.87
N ARG A 154 27.26 9.50 -10.89
CA ARG A 154 26.97 8.27 -11.63
C ARG A 154 25.78 7.53 -11.02
N ILE A 155 25.69 7.50 -9.69
CA ILE A 155 24.52 6.93 -9.03
C ILE A 155 23.26 7.63 -9.51
N THR A 156 23.27 8.97 -9.52
CA THR A 156 22.11 9.71 -9.98
C THR A 156 21.77 9.36 -11.42
N LYS A 157 22.78 9.25 -12.29
CA LYS A 157 22.50 8.94 -13.69
C LYS A 157 21.90 7.55 -13.85
N ARG A 158 22.35 6.58 -13.05
CA ARG A 158 21.81 5.23 -13.18
C ARG A 158 20.37 5.13 -12.66
N ILE A 159 20.01 5.99 -11.71
CA ILE A 159 18.65 5.98 -11.16
C ILE A 159 17.69 6.79 -12.03
N ASN A 160 18.11 8.00 -12.41
CA ASN A 160 17.26 8.98 -13.10
C ASN A 160 17.37 8.92 -14.61
N GLY A 161 18.51 8.46 -15.13
CA GLY A 161 18.82 8.58 -16.54
C GLY A 161 19.54 9.87 -16.90
N GLY A 162 19.63 10.79 -15.97
CA GLY A 162 20.25 12.08 -16.17
C GLY A 162 20.61 12.59 -14.81
N LEU A 163 20.70 13.92 -14.69
CA LEU A 163 21.02 14.57 -13.42
C LEU A 163 19.89 15.46 -12.93
N ASN A 164 18.64 15.11 -13.29
CA ASN A 164 17.50 15.86 -12.79
CA ASN A 164 17.49 15.85 -12.78
C ASN A 164 17.45 15.76 -11.27
N GLY A 165 17.23 16.88 -10.61
CA GLY A 165 17.13 16.88 -9.17
C GLY A 165 18.45 16.75 -8.43
N LEU A 166 19.59 16.94 -9.11
CA LEU A 166 20.88 16.71 -8.46
C LEU A 166 21.03 17.55 -7.19
N GLU A 167 20.63 18.83 -7.24
CA GLU A 167 20.80 19.69 -6.09
C GLU A 167 19.99 19.21 -4.89
N SER A 168 18.75 18.79 -5.13
CA SER A 168 17.92 18.18 -4.09
C SER A 168 18.59 16.93 -3.53
N ARG A 169 19.10 16.06 -4.41
CA ARG A 169 19.72 14.83 -3.94
C ARG A 169 20.94 15.12 -3.09
N ILE A 170 21.75 16.12 -3.49
CA ILE A 170 22.93 16.49 -2.72
C ILE A 170 22.54 17.05 -1.36
N LYS A 171 21.48 17.87 -1.31
CA LYS A 171 21.02 18.40 -0.03
C LYS A 171 20.69 17.28 0.94
N PHE A 172 19.98 16.25 0.49
CA PHE A 172 19.69 15.12 1.37
C PHE A 172 20.96 14.40 1.79
N PHE A 173 21.93 14.29 0.86
CA PHE A 173 23.17 13.59 1.16
C PHE A 173 23.99 14.32 2.20
N GLU A 174 24.02 15.66 2.13
CA GLU A 174 24.72 16.44 3.14
C GLU A 174 24.10 16.23 4.52
N ARG A 175 22.78 16.20 4.61
CA ARG A 175 22.14 15.87 5.89
C ARG A 175 22.46 14.46 6.33
N ALA A 176 22.47 13.51 5.39
CA ALA A 176 22.76 12.13 5.75
C ALA A 176 24.17 12.00 6.33
N LYS A 177 25.16 12.61 5.68
CA LYS A 177 26.53 12.55 6.19
C LYS A 177 26.61 13.14 7.59
N LYS A 178 25.90 14.24 7.85
CA LYS A 178 25.99 14.89 9.14
C LYS A 178 25.28 14.09 10.23
N ASN A 179 24.30 13.27 9.89
CA ASN A 179 23.53 12.56 10.89
C ASN A 179 23.90 11.08 11.01
N LEU A 180 24.55 10.50 10.00
CA LEU A 180 24.91 9.09 10.01
C LEU A 180 26.40 8.83 10.22
N ALA A 181 27.27 9.78 9.90
CA ALA A 181 28.71 9.54 10.03
C ALA A 181 29.27 10.21 11.27
N ASP B 2 -28.03 -0.78 -7.32
CA ASP B 2 -26.97 -0.33 -8.20
C ASP B 2 -26.49 1.06 -7.80
N ILE B 3 -25.82 1.14 -6.64
CA ILE B 3 -25.26 2.39 -6.15
C ILE B 3 -24.47 3.07 -7.26
N THR B 4 -24.76 4.34 -7.50
CA THR B 4 -24.05 5.08 -8.53
C THR B 4 -22.78 5.69 -7.96
N ASN B 5 -21.88 6.10 -8.85
CA ASN B 5 -20.69 6.83 -8.43
C ASN B 5 -21.07 8.10 -7.68
N GLU B 6 -22.10 8.80 -8.15
CA GLU B 6 -22.54 10.03 -7.49
C GLU B 6 -23.03 9.76 -6.07
N GLN B 7 -23.79 8.67 -5.89
CA GLN B 7 -24.24 8.31 -4.54
C GLN B 7 -23.06 7.95 -3.65
N LEU B 8 -22.12 7.18 -4.17
CA LEU B 8 -20.93 6.83 -3.40
C LEU B 8 -20.16 8.08 -2.97
N ALA B 9 -20.02 9.04 -3.89
CA ALA B 9 -19.32 10.28 -3.58
C ALA B 9 -20.09 11.13 -2.59
N ALA B 10 -21.43 11.04 -2.59
CA ALA B 10 -22.22 11.83 -1.66
C ALA B 10 -22.11 11.28 -0.24
N ILE B 11 -21.86 9.97 -0.11
CA ILE B 11 -21.61 9.38 1.21
C ILE B 11 -20.17 9.63 1.62
N MET B 12 -19.23 9.35 0.71
CA MET B 12 -17.80 9.49 0.98
C MET B 12 -17.34 10.81 0.36
N THR B 13 -17.71 11.91 1.01
CA THR B 13 -17.48 13.24 0.46
C THR B 13 -16.00 13.58 0.30
N ASN B 14 -15.11 12.85 0.98
CA ASN B 14 -13.67 13.08 0.86
C ASN B 14 -12.98 12.10 -0.07
N ALA B 15 -13.71 11.16 -0.66
CA ALA B 15 -13.08 10.24 -1.61
C ALA B 15 -12.61 10.99 -2.85
N ARG B 16 -11.39 10.68 -3.27
CA ARG B 16 -10.85 11.24 -4.51
C ARG B 16 -11.56 10.63 -5.72
N LYS B 17 -11.64 11.41 -6.80
CA LYS B 17 -12.29 10.91 -8.00
C LYS B 17 -11.60 9.64 -8.50
N THR B 18 -10.27 9.61 -8.42
CA THR B 18 -9.52 8.42 -8.81
C THR B 18 -9.95 7.21 -7.98
N GLY B 19 -10.20 7.41 -6.68
CA GLY B 19 -10.63 6.32 -5.83
C GLY B 19 -12.03 5.83 -6.19
N ILE B 20 -12.94 6.76 -6.44
CA ILE B 20 -14.28 6.40 -6.91
C ILE B 20 -14.19 5.60 -8.21
N ASP B 21 -13.40 6.08 -9.16
CA ASP B 21 -13.34 5.41 -10.46
C ASP B 21 -12.83 3.98 -10.35
N VAL B 22 -11.88 3.75 -9.45
CA VAL B 22 -11.32 2.41 -9.29
C VAL B 22 -12.28 1.52 -8.50
N PHE B 23 -12.77 2.02 -7.38
CA PHE B 23 -13.46 1.13 -6.45
C PHE B 23 -14.95 1.01 -6.69
N ALA B 24 -15.60 2.02 -7.29
CA ALA B 24 -17.05 1.92 -7.48
C ALA B 24 -17.44 0.71 -8.32
N PRO B 25 -16.84 0.44 -9.49
CA PRO B 25 -17.26 -0.76 -10.22
C PRO B 25 -16.94 -2.04 -9.48
N LEU B 26 -15.84 -2.08 -8.71
CA LEU B 26 -15.53 -3.26 -7.92
C LEU B 26 -16.54 -3.45 -6.79
N LEU B 27 -16.91 -2.36 -6.13
CA LEU B 27 -17.93 -2.44 -5.08
C LEU B 27 -19.25 -2.94 -5.64
N ARG B 28 -19.67 -2.40 -6.79
CA ARG B 28 -20.93 -2.85 -7.37
C ARG B 28 -20.88 -4.33 -7.69
N LYS B 29 -19.75 -4.80 -8.23
CA LYS B 29 -19.64 -6.20 -8.61
C LYS B 29 -19.72 -7.11 -7.39
N TYR B 30 -18.91 -6.83 -6.37
CA TYR B 30 -18.84 -7.77 -5.26
C TYR B 30 -19.97 -7.59 -4.25
N MET B 31 -20.55 -6.39 -4.11
CA MET B 31 -21.73 -6.27 -3.27
C MET B 31 -22.86 -7.13 -3.80
N GLU B 32 -23.06 -7.14 -5.11
CA GLU B 32 -24.08 -8.00 -5.71
C GLU B 32 -23.75 -9.47 -5.47
N GLN B 33 -22.49 -9.86 -5.62
CA GLN B 33 -22.10 -11.25 -5.44
C GLN B 33 -22.39 -11.75 -4.03
N TYR B 34 -22.19 -10.87 -3.03
CA TYR B 34 -22.34 -11.25 -1.63
C TYR B 34 -23.62 -10.72 -1.02
N GLU B 35 -24.62 -10.42 -1.85
CA GLU B 35 -26.00 -10.12 -1.42
C GLU B 35 -26.07 -8.90 -0.50
N ILE B 36 -25.17 -7.96 -0.68
CA ILE B 36 -25.27 -6.65 -0.04
C ILE B 36 -26.14 -5.81 -0.98
N ASN B 37 -27.46 -6.06 -0.92
CA ASN B 37 -28.32 -5.69 -2.04
C ASN B 37 -29.62 -5.00 -1.63
N THR B 38 -29.74 -4.56 -0.38
CA THR B 38 -30.89 -3.78 0.05
C THR B 38 -30.41 -2.44 0.60
N PRO B 39 -31.28 -1.43 0.63
CA PRO B 39 -30.87 -0.12 1.16
C PRO B 39 -30.20 -0.19 2.53
N ILE B 40 -30.75 -0.97 3.47
CA ILE B 40 -30.18 -1.00 4.81
C ILE B 40 -28.83 -1.73 4.80
N ARG B 41 -28.73 -2.82 4.03
CA ARG B 41 -27.47 -3.55 3.96
C ARG B 41 -26.39 -2.70 3.30
N ILE B 42 -26.73 -2.07 2.17
CA ILE B 42 -25.76 -1.24 1.46
C ILE B 42 -25.34 -0.04 2.31
N SER B 43 -26.30 0.58 3.00
CA SER B 43 -26.00 1.77 3.79
C SER B 43 -25.05 1.43 4.94
N MET B 44 -25.30 0.33 5.64
CA MET B 44 -24.44 -0.03 6.75
C MET B 44 -23.07 -0.50 6.25
N PHE B 45 -23.04 -1.28 5.17
CA PHE B 45 -21.76 -1.74 4.63
C PHE B 45 -20.90 -0.56 4.20
N LEU B 46 -21.47 0.36 3.41
CA LEU B 46 -20.69 1.48 2.89
C LEU B 46 -20.24 2.40 4.01
N SER B 47 -21.07 2.59 5.04
CA SER B 47 -20.66 3.45 6.15
C SER B 47 -19.48 2.85 6.90
N GLN B 48 -19.45 1.51 7.04
CA GLN B 48 -18.33 0.88 7.73
C GLN B 48 -17.06 0.93 6.89
N ILE B 49 -17.14 0.65 5.58
CA ILE B 49 -15.91 0.71 4.81
C ILE B 49 -15.49 2.16 4.56
N ALA B 50 -16.43 3.10 4.54
CA ALA B 50 -16.02 4.52 4.47
C ALA B 50 -15.11 4.87 5.64
N HIS B 51 -15.45 4.41 6.84
CA HIS B 51 -14.60 4.67 7.99
C HIS B 51 -13.31 3.88 7.93
N GLU B 52 -13.40 2.56 7.71
CA GLU B 52 -12.20 1.73 7.80
C GLU B 52 -11.17 2.09 6.74
N SER B 53 -11.62 2.46 5.54
CA SER B 53 -10.70 2.75 4.44
C SER B 53 -10.37 4.24 4.33
N GLY B 54 -10.88 5.07 5.23
CA GLY B 54 -10.63 6.50 5.10
C GLY B 54 -11.17 7.00 3.78
N GLU B 55 -12.38 6.58 3.43
CA GLU B 55 -13.05 7.00 2.20
C GLU B 55 -12.20 6.67 0.97
N LEU B 56 -11.80 5.40 0.90
CA LEU B 56 -11.10 4.75 -0.19
C LEU B 56 -9.63 5.16 -0.33
N ARG B 57 -9.09 5.91 0.65
CA ARG B 57 -7.68 6.29 0.57
C ARG B 57 -6.73 5.19 1.03
N TYR B 58 -7.18 4.31 1.92
CA TYR B 58 -6.30 3.35 2.56
C TYR B 58 -6.84 1.93 2.38
N THR B 59 -5.96 1.01 1.98
CA THR B 59 -6.25 -0.42 1.97
C THR B 59 -5.30 -1.17 2.90
N ARG B 60 -4.62 -0.45 3.78
CA ARG B 60 -3.73 -1.07 4.74
CA ARG B 60 -3.68 -1.04 4.73
C ARG B 60 -3.67 -0.19 5.98
N GLU B 61 -3.70 -0.85 7.15
CA GLU B 61 -3.58 -0.15 8.40
C GLU B 61 -2.24 0.56 8.47
N ILE B 62 -2.22 1.73 9.12
CA ILE B 62 -0.99 2.47 9.34
C ILE B 62 -0.39 1.98 10.66
N TRP B 63 0.77 1.33 10.58
CA TRP B 63 1.36 0.66 11.74
C TRP B 63 2.22 1.64 12.53
N GLY B 64 1.93 1.77 13.82
CA GLY B 64 2.77 2.53 14.71
C GLY B 64 4.03 1.79 15.08
N PRO B 65 3.93 0.80 15.99
CA PRO B 65 2.70 0.24 16.60
C PRO B 65 2.09 1.10 17.70
N THR B 66 0.79 1.34 17.64
CA THR B 66 0.07 1.93 18.76
C THR B 66 -0.15 0.86 19.83
N ASP B 67 -0.65 1.30 20.99
CA ASP B 67 -0.85 0.37 22.09
C ASP B 67 -1.94 -0.65 21.79
N ALA B 68 -2.98 -0.25 21.05
CA ALA B 68 -3.99 -1.23 20.63
C ALA B 68 -3.43 -2.20 19.61
N GLN B 69 -2.54 -1.75 18.73
CA GLN B 69 -1.90 -2.64 17.78
C GLN B 69 -0.97 -3.63 18.48
N ARG B 70 -0.38 -3.24 19.62
CA ARG B 70 0.39 -4.19 20.42
C ARG B 70 -0.48 -5.32 20.95
N ARG B 71 -1.78 -5.06 21.15
CA ARG B 71 -2.70 -6.05 21.67
C ARG B 71 -3.15 -7.08 20.64
N TYR B 72 -2.88 -6.85 19.34
CA TYR B 72 -3.37 -7.79 18.33
C TYR B 72 -2.83 -9.20 18.53
N GLU B 73 -1.63 -9.34 19.11
CA GLU B 73 -1.04 -10.67 19.20
C GLU B 73 -1.77 -11.57 20.21
N LYS B 74 -2.47 -10.99 21.18
CA LYS B 74 -3.17 -11.80 22.18
C LYS B 74 -4.68 -11.74 22.06
N ARG B 75 -5.22 -10.96 21.11
CA ARG B 75 -6.67 -10.88 20.95
C ARG B 75 -7.23 -12.22 20.49
N ILE B 76 -8.20 -12.74 21.25
CA ILE B 76 -8.69 -14.09 21.00
C ILE B 76 -9.46 -14.19 19.68
N ASP B 77 -10.00 -13.06 19.20
CA ASP B 77 -10.74 -13.09 17.95
C ASP B 77 -9.84 -13.06 16.72
N LEU B 78 -8.53 -12.89 16.88
CA LEU B 78 -7.66 -12.67 15.73
C LEU B 78 -6.86 -13.89 15.32
N GLY B 79 -6.61 -14.83 16.24
CA GLY B 79 -5.91 -16.05 15.88
C GLY B 79 -4.44 -15.87 15.57
N ASN B 80 -3.83 -14.80 16.06
CA ASN B 80 -2.39 -14.64 15.90
C ASN B 80 -1.67 -15.58 16.86
N LEU B 81 -0.78 -16.40 16.32
CA LEU B 81 -0.13 -17.45 17.11
C LEU B 81 1.36 -17.28 17.26
N HIS B 82 2.03 -16.62 16.32
CA HIS B 82 3.47 -16.44 16.35
C HIS B 82 3.79 -14.97 16.53
N VAL B 83 4.86 -14.68 17.27
CA VAL B 83 5.32 -13.30 17.38
C VAL B 83 5.58 -12.76 15.99
N GLY B 84 5.17 -11.51 15.77
CA GLY B 84 5.22 -10.92 14.46
C GLY B 84 3.93 -11.04 13.68
N ASP B 85 3.03 -11.94 14.08
CA ASP B 85 1.72 -12.05 13.42
C ASP B 85 0.92 -10.77 13.59
N GLY B 86 1.04 -10.13 14.75
CA GLY B 86 0.29 -8.89 14.98
C GLY B 86 0.47 -7.89 13.87
N LYS B 87 1.74 -7.59 13.52
CA LYS B 87 2.02 -6.64 12.45
C LYS B 87 1.86 -7.26 11.07
N LYS B 88 2.27 -8.52 10.91
CA LYS B 88 2.16 -9.16 9.60
C LYS B 88 0.73 -9.15 9.10
N PHE B 89 -0.23 -9.37 9.99
CA PHE B 89 -1.64 -9.43 9.63
C PHE B 89 -2.39 -8.22 10.19
N MET B 90 -1.75 -7.06 10.11
CA MET B 90 -2.42 -5.78 10.32
C MET B 90 -3.60 -5.65 9.34
N GLY B 91 -4.46 -4.67 9.61
CA GLY B 91 -5.66 -4.50 8.82
C GLY B 91 -5.39 -4.23 7.36
N ARG B 92 -6.09 -4.94 6.47
CA ARG B 92 -5.92 -4.69 5.05
C ARG B 92 -7.27 -4.81 4.34
N GLY B 93 -7.34 -4.18 3.17
CA GLY B 93 -8.57 -4.12 2.40
C GLY B 93 -9.49 -3.02 2.92
N LEU B 94 -10.63 -2.90 2.24
CA LEU B 94 -11.55 -1.81 2.56
C LEU B 94 -12.25 -1.98 3.91
N ILE B 95 -12.28 -3.20 4.48
CA ILE B 95 -12.90 -3.40 5.79
C ILE B 95 -11.85 -3.75 6.84
N GLN B 96 -10.56 -3.66 6.50
CA GLN B 96 -9.46 -3.79 7.47
C GLN B 96 -9.48 -5.16 8.16
N ILE B 97 -9.49 -6.22 7.35
CA ILE B 97 -9.38 -7.56 7.87
C ILE B 97 -8.06 -7.72 8.62
N THR B 98 -8.13 -8.24 9.83
CA THR B 98 -6.99 -8.27 10.73
C THR B 98 -6.84 -9.66 11.34
N GLY B 99 -5.60 -10.11 11.48
CA GLY B 99 -5.32 -11.33 12.19
C GLY B 99 -5.12 -12.56 11.33
N ARG B 100 -4.20 -13.43 11.75
CA ARG B 100 -3.83 -14.63 10.99
C ARG B 100 -5.05 -15.46 10.62
N ALA B 101 -5.92 -15.73 11.59
CA ALA B 101 -7.08 -16.60 11.34
C ALA B 101 -7.99 -16.01 10.28
N ASN B 102 -8.19 -14.70 10.29
CA ASN B 102 -9.07 -14.10 9.31
C ASN B 102 -8.40 -14.01 7.94
N TYR B 103 -7.07 -13.83 7.90
CA TYR B 103 -6.37 -13.86 6.62
C TYR B 103 -6.47 -15.23 5.99
N ALA B 104 -6.29 -16.28 6.80
CA ALA B 104 -6.34 -17.64 6.28
C ALA B 104 -7.73 -17.99 5.75
N ALA B 105 -8.77 -17.63 6.50
CA ALA B 105 -10.13 -17.88 6.05
C ALA B 105 -10.46 -17.10 4.79
N CYS B 106 -10.08 -15.82 4.75
CA CYS B 106 -10.30 -15.01 3.56
C CYS B 106 -9.55 -15.58 2.37
N SER B 107 -8.28 -15.97 2.59
CA SER B 107 -7.47 -16.54 1.52
C SER B 107 -8.09 -17.81 0.96
N LEU B 108 -8.56 -18.70 1.84
CA LEU B 108 -9.22 -19.91 1.35
C LEU B 108 -10.43 -19.57 0.49
N ALA B 109 -11.23 -18.59 0.94
CA ALA B 109 -12.46 -18.23 0.23
C ALA B 109 -12.17 -17.61 -1.14
N LEU B 110 -11.17 -16.74 -1.22
CA LEU B 110 -10.96 -15.90 -2.40
C LEU B 110 -9.90 -16.44 -3.35
N THR B 111 -9.06 -17.39 -2.91
CA THR B 111 -8.00 -17.93 -3.75
C THR B 111 -7.97 -19.44 -3.81
N GLY B 112 -8.73 -20.14 -2.96
CA GLY B 112 -8.73 -21.59 -2.94
C GLY B 112 -7.70 -22.23 -2.03
N SER B 113 -6.85 -21.43 -1.38
CA SER B 113 -5.82 -21.95 -0.50
C SER B 113 -5.67 -20.97 0.64
N PRO B 114 -5.59 -21.45 1.90
CA PRO B 114 -5.34 -20.52 3.00
C PRO B 114 -3.97 -19.88 2.92
N ASP B 115 -3.03 -20.47 2.18
CA ASP B 115 -1.65 -20.02 2.19
C ASP B 115 -1.42 -18.73 1.40
N THR B 116 -2.30 -18.40 0.45
CA THR B 116 -2.02 -17.30 -0.46
C THR B 116 -1.81 -15.98 0.29
N PHE B 117 -2.73 -15.63 1.18
CA PHE B 117 -2.60 -14.38 1.93
C PHE B 117 -1.78 -14.54 3.21
N LEU B 118 -1.50 -15.78 3.64
CA LEU B 118 -0.55 -15.96 4.72
C LEU B 118 0.87 -15.73 4.23
N ASP B 119 1.19 -16.19 3.01
CA ASP B 119 2.51 -15.95 2.45
C ASP B 119 2.67 -14.54 1.92
N ASN B 120 1.61 -13.99 1.34
CA ASN B 120 1.66 -12.67 0.71
C ASN B 120 0.48 -11.84 1.20
N PRO B 121 0.51 -11.39 2.46
CA PRO B 121 -0.61 -10.61 2.98
C PRO B 121 -0.84 -9.31 2.24
N GLU B 122 0.21 -8.77 1.61
N GLU B 122 0.22 -8.78 1.60
CA GLU B 122 0.08 -7.52 0.87
CA GLU B 122 0.11 -7.53 0.85
C GLU B 122 -0.91 -7.60 -0.28
C GLU B 122 -0.96 -7.61 -0.23
N LEU B 123 -1.27 -8.82 -0.71
CA LEU B 123 -2.29 -8.95 -1.75
C LEU B 123 -3.62 -8.36 -1.34
N LEU B 124 -3.92 -8.37 -0.03
CA LEU B 124 -5.18 -7.80 0.44
C LEU B 124 -5.24 -6.30 0.34
N SER B 125 -4.10 -5.63 0.13
CA SER B 125 -4.12 -4.18 -0.06
C SER B 125 -4.31 -3.79 -1.53
N THR B 126 -4.25 -4.74 -2.46
CA THR B 126 -4.44 -4.40 -3.87
C THR B 126 -5.94 -4.32 -4.18
N PRO B 127 -6.33 -3.54 -5.19
CA PRO B 127 -7.73 -3.07 -5.25
C PRO B 127 -8.80 -4.14 -5.34
N LYS B 128 -8.64 -5.16 -6.19
CA LYS B 128 -9.70 -6.15 -6.33
C LYS B 128 -9.87 -6.97 -5.05
N TYR B 129 -8.77 -7.50 -4.52
CA TYR B 129 -8.86 -8.25 -3.27
C TYR B 129 -9.30 -7.35 -2.12
N ALA B 130 -8.87 -6.08 -2.13
CA ALA B 130 -9.27 -5.16 -1.06
C ALA B 130 -10.78 -4.97 -1.03
N THR B 131 -11.43 -4.99 -2.20
CA THR B 131 -12.87 -4.84 -2.28
C THR B 131 -13.59 -6.16 -2.07
N GLU B 132 -13.17 -7.22 -2.77
CA GLU B 132 -13.83 -8.51 -2.61
C GLU B 132 -13.73 -9.00 -1.16
N SER B 133 -12.59 -8.81 -0.51
CA SER B 133 -12.43 -9.29 0.87
C SER B 133 -13.40 -8.58 1.81
N ALA B 134 -13.64 -7.28 1.59
CA ALA B 134 -14.58 -6.54 2.42
C ALA B 134 -15.99 -7.12 2.29
N CYS B 135 -16.43 -7.36 1.05
CA CYS B 135 -17.76 -7.91 0.83
C CYS B 135 -17.86 -9.33 1.38
N TRP B 136 -16.82 -10.14 1.15
CA TRP B 136 -16.79 -11.51 1.69
C TRP B 136 -16.88 -11.50 3.22
N PHE B 137 -16.08 -10.65 3.87
CA PHE B 137 -16.09 -10.58 5.33
C PHE B 137 -17.48 -10.22 5.83
N TRP B 138 -18.10 -9.20 5.22
CA TRP B 138 -19.45 -8.80 5.56
C TRP B 138 -20.42 -9.98 5.50
N TYR B 139 -20.42 -10.67 4.37
CA TYR B 139 -21.30 -11.83 4.19
C TYR B 139 -20.95 -12.94 5.19
N ASP B 140 -19.67 -13.26 5.30
CA ASP B 140 -19.25 -14.44 6.06
C ASP B 140 -19.57 -14.30 7.55
N ARG B 141 -19.46 -13.10 8.10
CA ARG B 141 -19.64 -12.90 9.52
C ARG B 141 -21.08 -12.53 9.88
N GLY B 142 -22.02 -12.73 8.96
CA GLY B 142 -23.42 -12.53 9.26
C GLY B 142 -23.84 -11.09 9.32
N LEU B 143 -23.09 -10.18 8.70
CA LEU B 143 -23.37 -8.76 8.86
C LEU B 143 -24.55 -8.31 8.01
N ASN B 144 -24.89 -9.04 6.93
CA ASN B 144 -26.14 -8.76 6.22
C ASN B 144 -27.34 -8.93 7.15
N GLU B 145 -27.37 -10.01 7.92
CA GLU B 145 -28.51 -10.28 8.79
C GLU B 145 -28.54 -9.32 9.97
N LEU B 146 -27.36 -8.97 10.51
CA LEU B 146 -27.33 -7.95 11.55
C LEU B 146 -27.79 -6.60 11.00
N ALA B 147 -27.48 -6.30 9.74
CA ALA B 147 -27.98 -5.07 9.14
C ALA B 147 -29.49 -5.08 9.02
N ASP B 148 -30.07 -6.24 8.63
CA ASP B 148 -31.52 -6.38 8.58
C ASP B 148 -32.17 -6.03 9.91
N SER B 149 -31.50 -6.36 11.01
CA SER B 149 -31.96 -6.05 12.36
C SER B 149 -31.44 -4.70 12.86
N GLU B 150 -30.72 -3.97 12.01
CA GLU B 150 -30.24 -2.62 12.32
C GLU B 150 -29.33 -2.63 13.55
N ASP B 151 -28.54 -3.70 13.68
CA ASP B 151 -27.68 -3.91 14.84
C ASP B 151 -26.30 -3.30 14.59
N PHE B 152 -26.28 -1.96 14.48
CA PHE B 152 -25.11 -1.26 13.97
C PHE B 152 -23.91 -1.37 14.92
N GLN B 153 -24.15 -1.36 16.24
CA GLN B 153 -23.02 -1.46 17.15
C GLN B 153 -22.41 -2.85 17.16
N ARG B 154 -23.24 -3.89 16.99
CA ARG B 154 -22.68 -5.25 16.93
C ARG B 154 -21.90 -5.44 15.65
N ILE B 155 -22.39 -4.88 14.54
CA ILE B 155 -21.62 -4.87 13.29
C ILE B 155 -20.27 -4.21 13.52
N THR B 156 -20.27 -3.05 14.19
CA THR B 156 -19.01 -2.37 14.47
C THR B 156 -18.07 -3.25 15.26
N LYS B 157 -18.58 -3.96 16.29
CA LYS B 157 -17.71 -4.79 17.10
C LYS B 157 -17.19 -5.99 16.32
N ARG B 158 -17.99 -6.54 15.40
CA ARG B 158 -17.52 -7.63 14.56
C ARG B 158 -16.37 -7.20 13.67
N ILE B 159 -16.33 -5.93 13.27
CA ILE B 159 -15.27 -5.43 12.42
C ILE B 159 -14.06 -4.98 13.23
N ASN B 160 -14.29 -4.23 14.31
CA ASN B 160 -13.22 -3.56 15.03
C ASN B 160 -12.77 -4.28 16.30
N GLY B 161 -13.57 -5.22 16.80
CA GLY B 161 -13.35 -5.78 18.12
C GLY B 161 -13.92 -4.92 19.23
N GLY B 162 -13.96 -3.61 19.02
CA GLY B 162 -14.57 -2.68 19.95
C GLY B 162 -15.39 -1.65 19.20
N LEU B 163 -15.40 -0.43 19.70
CA LEU B 163 -16.22 0.64 19.13
C LEU B 163 -15.36 1.82 18.69
N ASN B 164 -14.10 1.57 18.34
CA ASN B 164 -13.23 2.64 17.86
C ASN B 164 -13.88 3.36 16.69
N GLY B 165 -13.92 4.70 16.77
CA GLY B 165 -14.47 5.47 15.68
C GLY B 165 -15.96 5.32 15.47
N LEU B 166 -16.70 4.86 16.50
CA LEU B 166 -18.14 4.69 16.34
C LEU B 166 -18.82 5.97 15.90
N GLU B 167 -18.36 7.10 16.41
CA GLU B 167 -18.97 8.38 16.04
C GLU B 167 -18.88 8.64 14.54
N SER B 168 -17.71 8.41 13.95
CA SER B 168 -17.56 8.60 12.51
C SER B 168 -18.39 7.59 11.71
N ARG B 169 -18.41 6.33 12.16
CA ARG B 169 -19.22 5.32 11.47
C ARG B 169 -20.69 5.75 11.42
N ILE B 170 -21.21 6.25 12.54
CA ILE B 170 -22.61 6.66 12.58
C ILE B 170 -22.85 7.83 11.64
N LYS B 171 -21.92 8.79 11.58
CA LYS B 171 -22.11 9.93 10.69
C LYS B 171 -22.14 9.49 9.23
N PHE B 172 -21.30 8.53 8.84
CA PHE B 172 -21.39 7.97 7.49
C PHE B 172 -22.75 7.30 7.27
N PHE B 173 -23.24 6.57 8.28
CA PHE B 173 -24.53 5.92 8.10
C PHE B 173 -25.64 6.93 7.89
N GLU B 174 -25.65 8.01 8.67
CA GLU B 174 -26.70 9.01 8.51
C GLU B 174 -26.67 9.63 7.13
N ARG B 175 -25.46 9.83 6.58
CA ARG B 175 -25.36 10.34 5.21
C ARG B 175 -25.82 9.30 4.21
N ALA B 176 -25.45 8.03 4.45
CA ALA B 176 -25.86 6.95 3.55
C ALA B 176 -27.38 6.78 3.55
N LYS B 177 -27.99 6.85 4.73
CA LYS B 177 -29.45 6.73 4.83
C LYS B 177 -30.14 7.81 4.03
N LYS B 178 -29.59 9.02 4.02
CA LYS B 178 -30.19 10.11 3.26
C LYS B 178 -30.09 9.87 1.75
N ASN B 179 -28.98 9.30 1.30
CA ASN B 179 -28.71 9.16 -0.12
C ASN B 179 -29.18 7.83 -0.71
N LEU B 180 -29.66 6.90 0.12
CA LEU B 180 -30.06 5.58 -0.35
C LEU B 180 -31.47 5.18 0.04
N ALA B 181 -31.90 5.49 1.27
CA ALA B 181 -33.20 5.05 1.75
C ALA B 181 -34.21 6.18 1.72
#